data_7RKT
#
_entry.id   7RKT
#
_cell.length_a   121.700
_cell.length_b   55.190
_cell.length_c   72.530
_cell.angle_alpha   90.000
_cell.angle_beta   100.220
_cell.angle_gamma   90.000
#
_symmetry.space_group_name_H-M   'C 1 2 1'
#
loop_
_entity.id
_entity.type
_entity.pdbx_description
1 polymer 'Protein CYP51'
2 non-polymer 'PROTOPORPHYRIN IX CONTAINING FE'
3 non-polymer '(1S)-1-(2,4-dichlorophenyl)-2-(1H-imidazol-1-yl)ethyl 3-(trifluoromethyl)benzoate'
4 non-polymer GLYCEROL
5 water water
#
_entity_poly.entity_id   1
_entity_poly.type   'polypeptide(L)'
_entity_poly.pdbx_seq_one_letter_code
;MAKKTSSKGKLPPRVPNLIPYVGSFVSFAKNPVQFIIDNSKKYGDVFTATILGKEMTFLNHPKILDTFFKATDNELSLRD
VYRFMRPVFGTGVVYDADSTERMMEQVKFVSSGLTTARFRVFVDIFEDEIAHKVKELGPEGTVDVAELMADLIIFTASRC
LLGDEVRQYLSEKNLGKLYHDIDDGISPLSFFYPSLPAPKRDKARKAVGEIFQELLDKRREEHKKHPERLLDESKMDVVD
HLLTQKYKDGQELTDVHRIGILIAGLFAGQHTSSITSSWTLMNVISNKKVLEKVRKEQEEIMGSDKVLDYDKVMKMDYLE
ACMKEALRMYPPLIMIMRMARKPRECEQYIIPKGNILVVSPSVAGRCTDTYTNPDVFDPERLTERKEHEKFKYGAVPFGA
GRHKCIGENFALLQVKSIISILLRYFDMEYIGKIPDPSYTSLVVGPSPPTRMRYKLRKQQHHHHHH
;
_entity_poly.pdbx_strand_id   A
#
# COMPACT_ATOMS: atom_id res chain seq x y z
N LYS A 10 -7.63 -22.51 -28.09
CA LYS A 10 -6.34 -22.77 -27.37
C LYS A 10 -5.86 -21.48 -26.71
N LEU A 11 -5.39 -20.51 -27.51
CA LEU A 11 -5.01 -19.21 -26.97
C LEU A 11 -6.29 -18.42 -26.72
N PRO A 12 -6.31 -17.54 -25.68
CA PRO A 12 -7.55 -16.77 -25.40
C PRO A 12 -7.96 -15.84 -26.54
N PRO A 13 -9.14 -15.27 -26.46
CA PRO A 13 -9.50 -14.19 -27.39
C PRO A 13 -8.61 -12.95 -27.27
N ARG A 14 -8.38 -12.28 -28.39
CA ARG A 14 -7.62 -11.03 -28.44
C ARG A 14 -8.50 -9.77 -28.46
N VAL A 15 -8.00 -8.68 -27.89
CA VAL A 15 -8.53 -7.36 -28.18
C VAL A 15 -7.81 -6.97 -29.48
N PRO A 16 -8.57 -6.51 -30.49
CA PRO A 16 -7.89 -6.09 -31.69
C PRO A 16 -7.03 -4.88 -31.40
N ASN A 17 -5.84 -4.88 -31.97
CA ASN A 17 -4.94 -3.74 -31.88
C ASN A 17 -5.46 -2.55 -32.72
N LEU A 18 -5.36 -1.34 -32.16
CA LEU A 18 -5.66 -0.11 -32.91
C LEU A 18 -4.72 -0.04 -34.13
N ILE A 19 -3.42 -0.05 -33.85
CA ILE A 19 -2.36 -0.08 -34.84
C ILE A 19 -1.42 -1.22 -34.43
N PRO A 20 -0.36 -1.53 -35.21
CA PRO A 20 0.49 -2.58 -34.67
C PRO A 20 1.32 -2.02 -33.52
N TYR A 21 2.05 -2.88 -32.81
CA TYR A 21 2.89 -2.48 -31.68
C TYR A 21 2.18 -1.78 -30.49
N VAL A 22 1.73 -0.54 -30.68
CA VAL A 22 1.11 0.26 -29.61
C VAL A 22 -0.19 -0.42 -29.11
N GLY A 23 -0.80 -1.14 -30.06
CA GLY A 23 -1.95 -1.96 -29.83
C GLY A 23 -3.03 -1.20 -29.12
N SER A 24 -3.36 -1.70 -27.94
CA SER A 24 -4.49 -1.18 -27.20
C SER A 24 -4.01 -0.13 -26.19
N PHE A 25 -2.75 0.31 -26.29
CA PHE A 25 -2.22 1.24 -25.30
C PHE A 25 -3.12 2.43 -24.96
N VAL A 26 -3.83 2.96 -25.95
CA VAL A 26 -4.47 4.27 -25.81
C VAL A 26 -5.65 4.19 -24.86
N SER A 27 -6.56 3.27 -25.15
CA SER A 27 -7.77 3.07 -24.34
C SER A 27 -7.39 2.48 -23.00
N PHE A 28 -6.37 1.63 -22.98
CA PHE A 28 -5.75 1.13 -21.73
C PHE A 28 -5.26 2.26 -20.84
N ALA A 29 -4.41 3.11 -21.42
CA ALA A 29 -3.89 4.30 -20.76
C ALA A 29 -4.97 5.31 -20.33
N LYS A 30 -6.03 5.46 -21.13
CA LYS A 30 -7.11 6.38 -20.80
C LYS A 30 -7.70 6.04 -19.44
N ASN A 31 -7.99 4.77 -19.23
CA ASN A 31 -8.56 4.28 -17.98
C ASN A 31 -8.34 2.79 -17.91
N PRO A 32 -7.22 2.37 -17.30
CA PRO A 32 -6.92 0.95 -17.36
C PRO A 32 -8.03 0.09 -16.78
N VAL A 33 -8.75 0.59 -15.79
CA VAL A 33 -9.86 -0.17 -15.17
C VAL A 33 -11.06 -0.28 -16.12
N GLN A 34 -11.45 0.83 -16.74
CA GLN A 34 -12.61 0.85 -17.65
C GLN A 34 -12.35 -0.04 -18.86
N PHE A 35 -11.12 0.01 -19.34
CA PHE A 35 -10.62 -0.89 -20.38
C PHE A 35 -10.88 -2.38 -20.11
N ILE A 36 -10.60 -2.82 -18.90
CA ILE A 36 -10.70 -4.24 -18.58
C ILE A 36 -12.15 -4.66 -18.41
N ILE A 37 -12.99 -3.76 -17.91
CA ILE A 37 -14.40 -4.13 -17.75
C ILE A 37 -15.02 -4.26 -19.15
N ASP A 38 -14.80 -3.26 -19.99
CA ASP A 38 -15.33 -3.26 -21.35
C ASP A 38 -14.98 -4.53 -22.09
N ASN A 39 -13.71 -4.80 -22.21
CA ASN A 39 -13.28 -5.99 -22.91
C ASN A 39 -13.56 -7.33 -22.24
N SER A 40 -13.80 -7.35 -20.95
CA SER A 40 -14.20 -8.61 -20.29
C SER A 40 -15.58 -8.98 -20.81
N LYS A 41 -16.47 -8.00 -20.96
CA LYS A 41 -17.77 -8.22 -21.59
C LYS A 41 -17.64 -8.68 -23.04
N LYS A 42 -16.92 -7.92 -23.86
CA LYS A 42 -16.66 -8.33 -25.24
C LYS A 42 -16.11 -9.74 -25.37
N TYR A 43 -15.08 -10.11 -24.57
CA TYR A 43 -14.29 -11.34 -24.83
C TYR A 43 -14.22 -12.42 -23.75
N GLY A 44 -14.97 -12.24 -22.67
CA GLY A 44 -15.04 -13.23 -21.57
C GLY A 44 -14.02 -13.07 -20.45
N ASP A 45 -14.06 -14.02 -19.52
CA ASP A 45 -13.19 -14.06 -18.36
C ASP A 45 -11.67 -13.93 -18.61
N VAL A 46 -11.20 -14.30 -19.80
CA VAL A 46 -9.78 -14.28 -20.13
C VAL A 46 -9.61 -13.67 -21.53
N PHE A 47 -8.70 -12.72 -21.68
CA PHE A 47 -8.38 -12.16 -22.99
C PHE A 47 -7.01 -11.48 -22.98
N THR A 48 -6.36 -11.43 -24.15
CA THR A 48 -5.02 -10.86 -24.32
C THR A 48 -5.07 -9.60 -25.13
N ALA A 49 -4.12 -8.72 -24.89
CA ALA A 49 -4.05 -7.44 -25.55
C ALA A 49 -2.59 -7.11 -25.78
N THR A 50 -2.26 -6.50 -26.92
CA THR A 50 -0.91 -5.99 -27.13
C THR A 50 -0.88 -4.55 -26.65
N ILE A 51 0.11 -4.25 -25.81
CA ILE A 51 0.22 -2.95 -25.17
C ILE A 51 1.70 -2.56 -25.13
N LEU A 52 2.07 -1.59 -25.98
CA LEU A 52 3.46 -1.16 -26.18
C LEU A 52 4.44 -2.33 -26.25
N GLY A 53 4.14 -3.27 -27.13
CA GLY A 53 5.02 -4.41 -27.38
C GLY A 53 4.82 -5.66 -26.55
N LYS A 54 3.94 -5.63 -25.55
CA LYS A 54 3.80 -6.74 -24.59
C LYS A 54 2.44 -7.45 -24.73
N GLU A 55 2.47 -8.78 -24.68
CA GLU A 55 1.27 -9.58 -24.56
C GLU A 55 0.80 -9.63 -23.11
N MET A 56 -0.38 -9.06 -22.85
CA MET A 56 -0.93 -8.95 -21.52
C MET A 56 -2.24 -9.70 -21.50
N THR A 57 -2.31 -10.71 -20.65
CA THR A 57 -3.52 -11.50 -20.49
C THR A 57 -4.16 -11.24 -19.16
N PHE A 58 -5.38 -10.73 -19.26
CA PHE A 58 -6.17 -10.27 -18.15
C PHE A 58 -7.06 -11.42 -17.71
N LEU A 59 -7.05 -11.74 -16.42
CA LEU A 59 -7.99 -12.70 -15.83
C LEU A 59 -8.91 -11.89 -14.96
N ASN A 60 -10.21 -11.93 -15.27
CA ASN A 60 -11.17 -10.96 -14.70
C ASN A 60 -12.29 -11.54 -13.84
N HIS A 61 -12.36 -12.87 -13.68
CA HIS A 61 -13.38 -13.45 -12.81
C HIS A 61 -12.79 -14.11 -11.56
N PRO A 62 -13.32 -13.78 -10.37
CA PRO A 62 -12.95 -14.40 -9.07
C PRO A 62 -12.77 -15.90 -9.15
N LYS A 63 -13.66 -16.56 -9.88
CA LYS A 63 -13.60 -18.00 -10.05
C LYS A 63 -12.33 -18.53 -10.70
N ILE A 64 -11.68 -17.75 -11.58
CA ILE A 64 -10.45 -18.25 -12.27
C ILE A 64 -9.11 -17.80 -11.67
N LEU A 65 -9.14 -17.09 -10.54
CA LEU A 65 -7.92 -16.53 -9.97
C LEU A 65 -6.96 -17.54 -9.31
N ASP A 66 -7.39 -18.79 -9.11
CA ASP A 66 -6.48 -19.87 -8.69
C ASP A 66 -5.22 -19.96 -9.57
N THR A 67 -5.39 -19.78 -10.88
CA THR A 67 -4.31 -20.00 -11.84
C THR A 67 -3.18 -19.05 -11.45
N PHE A 68 -3.54 -17.78 -11.36
CA PHE A 68 -2.67 -16.70 -10.84
C PHE A 68 -2.00 -16.96 -9.48
N PHE A 69 -2.78 -16.92 -8.39
CA PHE A 69 -2.23 -16.80 -7.03
C PHE A 69 -1.57 -18.07 -6.47
N LYS A 70 -1.86 -19.25 -7.02
CA LYS A 70 -1.32 -20.51 -6.49
C LYS A 70 0.06 -20.88 -6.99
N ALA A 71 0.45 -20.34 -8.14
CA ALA A 71 1.67 -20.73 -8.82
C ALA A 71 2.94 -20.56 -8.01
N THR A 72 4.03 -21.16 -8.46
CA THR A 72 5.32 -20.92 -7.85
C THR A 72 6.10 -19.98 -8.72
N ASP A 73 7.23 -19.51 -8.20
CA ASP A 73 8.02 -18.45 -8.82
C ASP A 73 8.88 -18.86 -10.01
N ASN A 74 8.86 -20.14 -10.41
CA ASN A 74 9.28 -20.44 -11.79
C ASN A 74 8.14 -20.98 -12.69
N GLU A 75 6.91 -20.94 -12.21
CA GLU A 75 5.73 -20.90 -13.10
C GLU A 75 5.43 -19.41 -13.43
N LEU A 76 5.05 -18.63 -12.39
CA LEU A 76 4.67 -17.22 -12.50
C LEU A 76 5.60 -16.21 -11.72
N SER A 77 6.38 -15.41 -12.44
CA SER A 77 7.47 -14.62 -11.85
C SER A 77 7.06 -13.15 -11.60
N LEU A 78 7.27 -12.70 -10.38
CA LEU A 78 7.17 -11.29 -10.02
C LEU A 78 8.38 -10.54 -10.48
N ARG A 79 9.52 -11.20 -10.44
CA ARG A 79 10.79 -10.52 -10.72
C ARG A 79 10.98 -10.11 -12.20
N ASP A 80 10.36 -10.85 -13.12
CA ASP A 80 10.39 -10.48 -14.53
C ASP A 80 9.56 -9.23 -14.85
N VAL A 81 8.58 -8.89 -14.00
CA VAL A 81 7.68 -7.76 -14.29
C VAL A 81 7.99 -6.49 -13.46
N TYR A 82 8.59 -6.61 -12.28
CA TYR A 82 8.73 -5.47 -11.37
C TYR A 82 10.19 -5.11 -11.09
N ARG A 83 11.09 -5.74 -11.84
CA ARG A 83 12.50 -5.42 -11.83
C ARG A 83 12.79 -3.94 -12.09
N PHE A 84 11.97 -3.34 -12.94
CA PHE A 84 12.07 -1.91 -13.28
C PHE A 84 12.06 -0.98 -12.08
N MET A 85 11.58 -1.43 -10.91
CA MET A 85 11.74 -0.68 -9.65
C MET A 85 13.15 -0.59 -9.10
N ARG A 86 14.11 -1.22 -9.77
CA ARG A 86 15.47 -1.27 -9.29
C ARG A 86 16.05 0.12 -8.91
N PRO A 87 15.84 1.18 -9.73
CA PRO A 87 16.31 2.53 -9.39
C PRO A 87 15.79 3.07 -8.08
N VAL A 88 14.58 2.67 -7.68
CA VAL A 88 13.98 3.11 -6.43
C VAL A 88 14.53 2.25 -5.31
N PHE A 89 14.32 0.94 -5.39
CA PHE A 89 14.71 0.05 -4.27
C PHE A 89 16.23 -0.21 -4.18
N GLY A 90 16.96 -0.15 -5.28
CA GLY A 90 18.40 -0.51 -5.25
C GLY A 90 18.78 -1.81 -5.91
N THR A 91 20.05 -1.90 -6.30
CA THR A 91 20.62 -3.13 -6.85
C THR A 91 20.61 -4.24 -5.81
N GLY A 92 20.28 -5.47 -6.23
CA GLY A 92 20.26 -6.62 -5.33
C GLY A 92 19.19 -6.68 -4.23
N VAL A 93 18.12 -5.92 -4.41
CA VAL A 93 17.09 -5.78 -3.42
C VAL A 93 15.72 -6.16 -4.04
N VAL A 94 14.99 -7.03 -3.38
CA VAL A 94 13.61 -7.24 -3.68
C VAL A 94 13.57 -7.86 -5.08
N TYR A 95 13.05 -7.17 -6.12
CA TYR A 95 12.79 -7.87 -7.39
C TYR A 95 14.03 -7.95 -8.25
N ASP A 96 15.05 -7.23 -7.81
CA ASP A 96 16.38 -7.36 -8.33
C ASP A 96 17.29 -8.11 -7.31
N ALA A 97 16.73 -8.92 -6.44
CA ALA A 97 17.56 -9.75 -5.58
C ALA A 97 18.17 -10.86 -6.47
N ASP A 98 19.37 -11.35 -6.10
CA ASP A 98 20.04 -12.45 -6.86
C ASP A 98 19.13 -13.64 -7.11
N SER A 99 18.30 -13.99 -6.12
CA SER A 99 17.28 -15.05 -6.25
C SER A 99 15.98 -14.72 -5.57
N THR A 100 14.92 -15.45 -5.97
CA THR A 100 13.67 -15.50 -5.26
C THR A 100 13.83 -15.80 -3.78
N GLU A 101 14.74 -16.70 -3.46
CA GLU A 101 14.91 -17.11 -2.08
C GLU A 101 15.48 -15.95 -1.30
N ARG A 102 16.40 -15.26 -1.94
CA ARG A 102 17.05 -14.11 -1.33
C ARG A 102 16.07 -12.92 -1.16
N MET A 103 15.11 -12.78 -2.06
CA MET A 103 14.06 -11.77 -1.96
C MET A 103 13.19 -12.07 -0.74
N MET A 104 12.82 -13.34 -0.58
CA MET A 104 12.01 -13.77 0.57
C MET A 104 12.69 -13.50 1.90
N GLU A 105 13.98 -13.70 1.97
CA GLU A 105 14.71 -13.38 3.19
C GLU A 105 14.66 -11.91 3.47
N GLN A 106 14.81 -11.09 2.44
CA GLN A 106 14.78 -9.62 2.61
C GLN A 106 13.41 -9.14 3.20
N VAL A 107 12.34 -9.75 2.72
CA VAL A 107 11.01 -9.49 3.12
C VAL A 107 10.83 -9.84 4.59
N LYS A 108 11.23 -11.03 4.98
CA LYS A 108 11.21 -11.40 6.40
C LYS A 108 11.96 -10.43 7.32
N PHE A 109 13.01 -9.74 6.87
CA PHE A 109 13.60 -8.72 7.77
C PHE A 109 12.61 -7.62 8.12
N VAL A 110 11.80 -7.20 7.14
CA VAL A 110 10.84 -6.14 7.36
C VAL A 110 9.76 -6.68 8.30
N SER A 111 9.24 -7.88 7.98
CA SER A 111 8.15 -8.42 8.73
C SER A 111 8.58 -8.68 10.17
N SER A 112 9.87 -8.96 10.39
CA SER A 112 10.36 -9.23 11.75
C SER A 112 10.27 -8.00 12.65
N GLY A 113 10.24 -6.78 12.07
CA GLY A 113 9.96 -5.55 12.85
C GLY A 113 8.47 -5.17 12.99
N LEU A 114 7.57 -6.08 12.65
CA LEU A 114 6.15 -5.82 12.68
C LEU A 114 5.44 -6.86 13.53
N THR A 115 5.92 -7.00 14.75
CA THR A 115 5.43 -7.95 15.76
C THR A 115 4.44 -7.21 16.69
N THR A 116 3.70 -7.99 17.47
CA THR A 116 2.75 -7.51 18.45
C THR A 116 3.42 -6.55 19.37
N ALA A 117 4.64 -6.90 19.79
CA ALA A 117 5.38 -6.09 20.74
C ALA A 117 5.69 -4.74 20.18
N ARG A 118 6.04 -4.70 18.90
CA ARG A 118 6.26 -3.45 18.28
C ARG A 118 4.95 -2.72 18.10
N PHE A 119 3.87 -3.41 17.75
CA PHE A 119 2.55 -2.76 17.54
C PHE A 119 2.06 -2.02 18.75
N ARG A 120 2.31 -2.54 19.94
CA ARG A 120 1.95 -1.78 21.18
C ARG A 120 2.63 -0.38 21.24
N VAL A 121 3.88 -0.33 20.81
CA VAL A 121 4.64 0.94 20.81
C VAL A 121 4.20 1.83 19.65
N PHE A 122 3.85 1.21 18.53
CA PHE A 122 3.39 1.98 17.35
C PHE A 122 2.18 2.86 17.68
N VAL A 123 1.24 2.35 18.48
CA VAL A 123 0.05 3.13 18.85
C VAL A 123 0.46 4.41 19.59
N ASP A 124 1.42 4.30 20.48
CA ASP A 124 1.92 5.49 21.20
C ASP A 124 2.51 6.47 20.24
N ILE A 125 3.27 5.97 19.26
CA ILE A 125 3.83 6.80 18.21
C ILE A 125 2.75 7.55 17.47
N PHE A 126 1.66 6.86 17.13
CA PHE A 126 0.57 7.53 16.40
C PHE A 126 -0.01 8.71 17.21
N GLU A 127 -0.25 8.48 18.49
CA GLU A 127 -0.71 9.53 19.39
C GLU A 127 0.23 10.74 19.41
N ASP A 128 1.53 10.49 19.46
CA ASP A 128 2.53 11.55 19.57
C ASP A 128 2.52 12.40 18.33
N GLU A 129 2.61 11.78 17.17
CA GLU A 129 2.67 12.50 15.89
C GLU A 129 1.42 13.28 15.66
N ILE A 130 0.29 12.72 16.05
CA ILE A 130 -0.95 13.42 15.84
C ILE A 130 -1.08 14.60 16.81
N ALA A 131 -0.61 14.43 18.04
CA ALA A 131 -0.61 15.54 18.98
C ALA A 131 0.26 16.70 18.47
N HIS A 132 1.44 16.43 17.90
CA HIS A 132 2.23 17.52 17.31
C HIS A 132 1.45 18.14 16.14
N LYS A 133 0.86 17.31 15.29
CA LYS A 133 0.05 17.82 14.18
C LYS A 133 -1.17 18.71 14.54
N VAL A 134 -1.86 18.44 15.66
CA VAL A 134 -3.04 19.26 16.02
C VAL A 134 -2.62 20.69 16.42
N LYS A 135 -1.54 20.84 17.21
CA LYS A 135 -0.96 22.15 17.49
C LYS A 135 -0.91 22.93 16.19
N GLU A 136 -0.25 22.34 15.21
CA GLU A 136 -0.08 22.93 13.89
C GLU A 136 -1.37 23.26 13.14
N LEU A 137 -2.44 22.51 13.38
CA LEU A 137 -3.71 22.75 12.69
C LEU A 137 -4.63 23.76 13.35
N GLY A 138 -4.43 24.03 14.64
CA GLY A 138 -5.31 24.95 15.35
C GLY A 138 -6.73 24.42 15.51
N PRO A 139 -7.61 25.18 16.18
CA PRO A 139 -8.94 24.69 16.55
C PRO A 139 -9.97 24.59 15.43
N GLU A 140 -9.82 25.37 14.36
CA GLU A 140 -10.70 25.28 13.20
C GLU A 140 -9.92 25.57 11.94
N GLY A 141 -10.51 25.23 10.81
CA GLY A 141 -9.80 25.31 9.56
C GLY A 141 -10.39 24.43 8.50
N THR A 142 -9.73 24.46 7.35
CA THR A 142 -9.88 23.49 6.31
C THR A 142 -8.51 22.89 6.02
N VAL A 143 -8.51 21.68 5.46
CA VAL A 143 -7.23 21.04 5.08
C VAL A 143 -7.44 20.07 3.93
N ASP A 144 -6.43 19.91 3.10
CA ASP A 144 -6.40 18.84 2.12
C ASP A 144 -6.18 17.51 2.87
N VAL A 145 -7.10 16.56 2.64
CA VAL A 145 -7.13 15.27 3.37
C VAL A 145 -6.00 14.40 2.91
N ALA A 146 -5.81 14.28 1.60
CA ALA A 146 -4.74 13.48 1.04
C ALA A 146 -3.32 13.92 1.51
N GLU A 147 -3.11 15.23 1.62
CA GLU A 147 -1.80 15.76 2.05
C GLU A 147 -1.60 15.47 3.52
N LEU A 148 -2.63 15.70 4.30
CA LEU A 148 -2.62 15.41 5.72
C LEU A 148 -2.32 13.95 6.02
N MET A 149 -2.99 13.05 5.30
CA MET A 149 -2.77 11.66 5.51
C MET A 149 -1.37 11.26 5.14
N ALA A 150 -0.88 11.78 4.01
CA ALA A 150 0.44 11.48 3.52
C ALA A 150 1.49 11.90 4.54
N ASP A 151 1.30 13.03 5.23
CA ASP A 151 2.27 13.51 6.20
C ASP A 151 2.23 12.63 7.39
N LEU A 152 1.03 12.39 7.92
CA LEU A 152 0.92 11.59 9.13
C LEU A 152 1.47 10.20 8.97
N ILE A 153 1.20 9.59 7.82
CA ILE A 153 1.69 8.28 7.54
C ILE A 153 3.20 8.25 7.28
N ILE A 154 3.75 9.25 6.64
CA ILE A 154 5.17 9.34 6.40
C ILE A 154 5.93 9.43 7.75
N PHE A 155 5.50 10.32 8.63
CA PHE A 155 6.22 10.56 9.89
C PHE A 155 6.03 9.37 10.85
N THR A 156 4.88 8.71 10.81
CA THR A 156 4.65 7.62 11.75
C THR A 156 5.29 6.32 11.28
N ALA A 157 5.26 6.02 9.98
CA ALA A 157 5.95 4.82 9.45
C ALA A 157 7.47 4.88 9.60
N SER A 158 8.05 6.05 9.37
CA SER A 158 9.46 6.29 9.63
C SER A 158 9.83 5.90 11.01
N ARG A 159 9.12 6.44 11.98
CA ARG A 159 9.46 6.19 13.37
C ARG A 159 9.20 4.76 13.71
N CYS A 160 8.16 4.14 13.12
CA CYS A 160 7.83 2.73 13.39
C CYS A 160 8.90 1.75 12.89
N LEU A 161 9.34 1.95 11.65
CA LEU A 161 10.28 1.07 11.01
C LEU A 161 11.70 1.47 11.34
N LEU A 162 12.00 2.76 11.40
CA LEU A 162 13.39 3.19 11.56
C LEU A 162 13.86 3.52 13.00
N GLY A 163 12.96 3.56 13.99
CA GLY A 163 13.30 4.07 15.33
C GLY A 163 13.13 5.56 15.46
N ASP A 164 12.96 6.07 16.68
CA ASP A 164 12.67 7.51 16.88
C ASP A 164 13.77 8.48 16.44
N GLU A 165 15.02 8.02 16.46
CA GLU A 165 16.20 8.84 16.14
C GLU A 165 16.22 9.36 14.70
N VAL A 166 15.33 8.84 13.85
CA VAL A 166 15.09 9.45 12.54
C VAL A 166 14.41 10.83 12.60
N ARG A 167 13.68 11.15 13.68
CA ARG A 167 12.62 12.18 13.60
C ARG A 167 13.10 13.61 13.35
N GLN A 168 14.17 14.04 14.03
CA GLN A 168 14.73 15.39 13.77
C GLN A 168 15.22 15.50 12.34
N TYR A 169 16.03 14.53 11.89
CA TYR A 169 16.46 14.42 10.48
C TYR A 169 15.30 14.66 9.53
N LEU A 170 14.19 14.00 9.82
CA LEU A 170 12.98 14.06 9.00
C LEU A 170 12.44 15.49 8.91
N SER A 171 12.06 16.07 10.04
CA SER A 171 11.63 17.48 10.08
C SER A 171 12.71 18.36 9.45
N GLU A 172 13.96 18.17 9.88
CA GLU A 172 15.06 19.08 9.53
C GLU A 172 15.74 18.75 8.18
N LYS A 173 15.30 17.72 7.45
CA LYS A 173 15.81 17.42 6.09
C LYS A 173 14.72 16.87 5.14
N ASN A 174 13.53 17.46 5.19
CA ASN A 174 12.47 17.29 4.16
C ASN A 174 12.29 15.87 3.62
N LEU A 175 12.33 14.88 4.51
CA LEU A 175 12.18 13.49 4.09
C LEU A 175 10.85 13.29 3.36
N GLY A 176 9.81 13.92 3.89
CA GLY A 176 8.54 14.01 3.18
C GLY A 176 8.72 14.44 1.73
N LYS A 177 9.45 15.53 1.53
CA LYS A 177 9.69 16.06 0.17
C LYS A 177 10.50 15.09 -0.70
N LEU A 178 11.58 14.55 -0.17
CA LEU A 178 12.43 13.58 -0.90
C LEU A 178 11.68 12.33 -1.41
N TYR A 179 10.82 11.79 -0.56
CA TYR A 179 9.89 10.78 -0.99
C TYR A 179 8.92 11.26 -2.06
N HIS A 180 8.47 12.50 -1.97
CA HIS A 180 7.60 13.04 -3.02
C HIS A 180 8.34 13.02 -4.34
N ASP A 181 9.60 13.44 -4.35
CA ASP A 181 10.39 13.50 -5.58
C ASP A 181 10.72 12.11 -6.15
N ILE A 182 10.95 11.12 -5.29
CA ILE A 182 11.14 9.75 -5.75
C ILE A 182 9.84 9.32 -6.39
N ASP A 183 8.76 9.33 -5.59
CA ASP A 183 7.42 8.95 -6.05
C ASP A 183 6.98 9.69 -7.32
N ASP A 184 7.36 10.97 -7.43
CA ASP A 184 7.11 11.81 -8.62
C ASP A 184 8.28 11.70 -9.62
N GLY A 185 8.89 10.51 -9.73
CA GLY A 185 9.70 10.15 -10.88
C GLY A 185 9.66 8.67 -11.23
N ILE A 186 8.62 7.94 -10.79
CA ILE A 186 8.36 6.58 -11.28
C ILE A 186 7.01 6.60 -11.96
N SER A 187 7.03 6.64 -13.28
CA SER A 187 5.84 6.58 -14.09
C SER A 187 5.44 5.11 -14.27
N PRO A 188 4.13 4.85 -14.42
CA PRO A 188 3.70 3.54 -14.95
C PRO A 188 4.40 3.12 -16.28
N LEU A 189 4.74 4.10 -17.13
CA LEU A 189 5.45 3.83 -18.38
C LEU A 189 6.87 3.26 -18.23
N SER A 190 7.50 3.44 -17.08
CA SER A 190 8.75 2.73 -16.76
C SER A 190 8.61 1.19 -16.81
N PHE A 191 7.40 0.68 -16.62
CA PHE A 191 7.09 -0.74 -16.82
C PHE A 191 7.48 -1.15 -18.24
N PHE A 192 7.03 -0.35 -19.19
CA PHE A 192 7.28 -0.61 -20.62
C PHE A 192 8.68 -0.19 -21.09
N TYR A 193 9.21 0.90 -20.55
CA TYR A 193 10.57 1.38 -20.87
C TYR A 193 11.34 1.62 -19.59
N PRO A 194 12.02 0.58 -19.09
CA PRO A 194 12.79 0.74 -17.84
C PRO A 194 13.91 1.78 -17.89
N SER A 195 14.41 2.12 -19.08
CA SER A 195 15.48 3.13 -19.20
C SER A 195 15.02 4.60 -19.19
N LEU A 196 13.73 4.90 -19.33
CA LEU A 196 13.24 6.30 -19.26
C LEU A 196 14.00 7.09 -18.18
N PRO A 197 14.98 7.93 -18.58
CA PRO A 197 15.81 8.58 -17.56
C PRO A 197 14.92 9.48 -16.71
N ALA A 198 15.28 9.64 -15.44
CA ALA A 198 14.45 10.35 -14.47
C ALA A 198 15.39 10.96 -13.48
N PRO A 199 16.02 12.07 -13.87
CA PRO A 199 17.15 12.60 -13.06
C PRO A 199 16.78 13.20 -11.68
N LYS A 200 15.59 13.78 -11.55
CA LYS A 200 15.15 14.25 -10.23
C LYS A 200 14.96 13.06 -9.27
N ARG A 201 14.29 12.01 -9.74
CA ARG A 201 14.16 10.75 -8.99
C ARG A 201 15.48 10.22 -8.52
N ASP A 202 16.42 10.04 -9.43
CA ASP A 202 17.77 9.55 -9.03
C ASP A 202 18.45 10.50 -8.03
N LYS A 203 18.19 11.80 -8.15
CA LYS A 203 18.78 12.78 -7.23
C LYS A 203 18.24 12.55 -5.83
N ALA A 204 16.91 12.53 -5.72
CA ALA A 204 16.25 12.24 -4.45
C ALA A 204 16.72 10.95 -3.78
N ARG A 205 16.67 9.86 -4.56
CA ARG A 205 17.02 8.51 -4.08
C ARG A 205 18.41 8.50 -3.48
N LYS A 206 19.35 9.10 -4.20
CA LYS A 206 20.73 9.27 -3.72
C LYS A 206 20.71 9.95 -2.37
N ALA A 207 19.97 11.04 -2.29
CA ALA A 207 19.89 11.87 -1.08
C ALA A 207 19.34 11.05 0.11
N VAL A 208 18.23 10.35 -0.13
CA VAL A 208 17.63 9.51 0.91
C VAL A 208 18.64 8.43 1.34
N GLY A 209 19.35 7.83 0.37
CA GLY A 209 20.42 6.87 0.65
C GLY A 209 21.50 7.37 1.60
N GLU A 210 21.94 8.61 1.41
CA GLU A 210 23.03 9.14 2.27
C GLU A 210 22.50 9.30 3.67
N ILE A 211 21.29 9.85 3.80
CA ILE A 211 20.63 9.97 5.12
C ILE A 211 20.48 8.65 5.88
N PHE A 212 20.02 7.63 5.18
CA PHE A 212 19.92 6.28 5.75
C PHE A 212 21.28 5.66 6.03
N GLN A 213 22.27 5.99 5.21
CA GLN A 213 23.64 5.61 5.54
C GLN A 213 24.02 6.18 6.89
N GLU A 214 23.84 7.49 7.03
CA GLU A 214 24.17 8.21 8.29
C GLU A 214 23.54 7.51 9.48
N LEU A 215 22.23 7.26 9.36
CA LEU A 215 21.42 6.63 10.41
C LEU A 215 21.91 5.23 10.83
N LEU A 216 22.34 4.43 9.84
CA LEU A 216 22.93 3.11 10.07
C LEU A 216 24.26 3.18 10.79
N ASP A 217 25.10 4.15 10.41
CA ASP A 217 26.39 4.40 11.08
C ASP A 217 26.21 4.80 12.54
N LYS A 218 25.28 5.73 12.77
CA LYS A 218 24.93 6.16 14.11
C LYS A 218 24.32 5.04 14.96
N ARG A 219 23.56 4.15 14.34
CA ARG A 219 22.97 3.04 15.09
C ARG A 219 24.05 2.06 15.57
N ARG A 220 25.09 1.87 14.75
CA ARG A 220 26.22 1.03 15.11
C ARG A 220 26.95 1.56 16.36
N GLU A 221 27.18 2.88 16.44
CA GLU A 221 27.79 3.45 17.66
C GLU A 221 26.85 3.24 18.86
N GLU A 222 25.55 3.43 18.66
CA GLU A 222 24.57 3.15 19.74
C GLU A 222 24.52 1.68 20.22
N HIS A 223 24.76 0.73 19.32
CA HIS A 223 24.84 -0.71 19.69
C HIS A 223 26.15 -1.07 20.38
N LYS A 224 27.21 -0.29 20.12
CA LYS A 224 28.45 -0.39 20.89
C LYS A 224 28.10 -0.16 22.36
N LYS A 225 27.64 1.04 22.65
CA LYS A 225 27.41 1.46 24.03
C LYS A 225 26.25 0.70 24.69
N HIS A 226 25.12 0.58 23.99
CA HIS A 226 23.85 0.13 24.60
C HIS A 226 23.31 -1.17 23.99
N PRO A 227 24.04 -2.31 24.19
CA PRO A 227 23.64 -3.62 23.62
C PRO A 227 22.46 -4.32 24.32
N GLU A 228 22.19 -3.97 25.57
CA GLU A 228 21.01 -4.45 26.29
C GLU A 228 19.70 -4.25 25.50
N ARG A 229 19.62 -3.12 24.77
CA ARG A 229 18.54 -2.80 23.83
C ARG A 229 18.15 -3.94 22.89
N LEU A 230 19.17 -4.64 22.39
CA LEU A 230 18.98 -5.71 21.42
C LEU A 230 18.28 -6.94 21.97
N LEU A 231 18.18 -7.06 23.29
CA LEU A 231 17.42 -8.12 23.95
C LEU A 231 15.90 -7.80 24.06
N ASP A 232 15.57 -6.50 24.09
CA ASP A 232 14.20 -6.01 24.32
C ASP A 232 13.32 -5.96 23.03
N GLU A 233 12.29 -6.79 22.98
CA GLU A 233 11.46 -7.06 21.82
C GLU A 233 10.77 -5.80 21.29
N SER A 234 10.20 -5.03 22.21
CA SER A 234 9.46 -3.83 21.85
C SER A 234 10.33 -2.59 21.52
N LYS A 235 11.66 -2.72 21.59
CA LYS A 235 12.60 -1.69 21.08
C LYS A 235 13.27 -2.08 19.74
N MET A 236 13.11 -3.32 19.28
CA MET A 236 13.80 -3.75 18.05
C MET A 236 13.02 -3.34 16.79
N ASP A 237 13.46 -2.26 16.17
CA ASP A 237 12.93 -1.82 14.86
C ASP A 237 13.58 -2.54 13.67
N VAL A 238 13.15 -2.22 12.46
CA VAL A 238 13.64 -2.94 11.31
C VAL A 238 15.13 -2.64 11.08
N VAL A 239 15.58 -1.41 11.38
CA VAL A 239 17.01 -1.06 11.31
C VAL A 239 17.83 -1.98 12.22
N ASP A 240 17.28 -2.32 13.38
CA ASP A 240 17.98 -3.20 14.31
C ASP A 240 18.12 -4.61 13.77
N HIS A 241 17.02 -5.18 13.25
CA HIS A 241 17.07 -6.52 12.68
C HIS A 241 18.09 -6.60 11.54
N LEU A 242 18.12 -5.57 10.73
CA LEU A 242 19.04 -5.49 9.61
C LEU A 242 20.53 -5.40 10.01
N LEU A 243 20.85 -4.86 11.18
CA LEU A 243 22.25 -4.80 11.66
C LEU A 243 22.75 -6.09 12.34
N THR A 244 21.83 -6.91 12.81
CA THR A 244 22.12 -8.07 13.66
C THR A 244 21.77 -9.42 13.04
N GLN A 245 21.26 -9.45 11.81
CA GLN A 245 20.85 -10.69 11.16
C GLN A 245 21.58 -10.83 9.83
N LYS A 246 21.87 -12.08 9.47
CA LYS A 246 22.56 -12.46 8.23
C LYS A 246 21.55 -13.25 7.45
N TYR A 247 21.86 -13.66 6.22
CA TYR A 247 20.93 -14.53 5.48
C TYR A 247 21.01 -15.95 6.06
N LYS A 248 20.08 -16.80 5.66
CA LYS A 248 19.94 -18.17 6.17
C LYS A 248 21.22 -18.97 5.91
N ASP A 249 21.81 -18.83 4.73
CA ASP A 249 23.09 -19.47 4.41
C ASP A 249 24.35 -18.81 5.03
N GLY A 250 24.21 -17.93 6.02
CA GLY A 250 25.35 -17.33 6.74
C GLY A 250 26.01 -16.13 6.09
N GLN A 251 25.65 -15.82 4.85
CA GLN A 251 26.21 -14.67 4.16
C GLN A 251 25.72 -13.33 4.80
N GLU A 252 26.64 -12.37 4.95
CA GLU A 252 26.35 -11.10 5.60
C GLU A 252 25.61 -10.16 4.64
N LEU A 253 24.80 -9.27 5.15
CA LEU A 253 24.18 -8.21 4.32
C LEU A 253 25.11 -7.04 4.16
N THR A 254 25.00 -6.39 3.01
CA THR A 254 25.72 -5.14 2.73
C THR A 254 24.83 -3.96 3.09
N ASP A 255 25.44 -2.83 3.43
CA ASP A 255 24.72 -1.57 3.69
C ASP A 255 23.86 -1.10 2.49
N VAL A 256 24.33 -1.32 1.27
CA VAL A 256 23.49 -1.07 0.11
C VAL A 256 22.19 -1.87 0.17
N HIS A 257 22.24 -3.16 0.50
CA HIS A 257 21.01 -3.96 0.65
C HIS A 257 20.14 -3.44 1.79
N ARG A 258 20.77 -3.10 2.92
CA ARG A 258 20.07 -2.62 4.10
C ARG A 258 19.30 -1.33 3.80
N ILE A 259 19.99 -0.38 3.20
CA ILE A 259 19.38 0.84 2.76
C ILE A 259 18.23 0.61 1.78
N GLY A 260 18.45 -0.25 0.80
CA GLY A 260 17.42 -0.55 -0.21
C GLY A 260 16.16 -1.17 0.38
N ILE A 261 16.33 -2.07 1.37
CA ILE A 261 15.24 -2.72 2.05
C ILE A 261 14.39 -1.69 2.87
N LEU A 262 15.08 -0.81 3.58
CA LEU A 262 14.47 0.29 4.30
C LEU A 262 13.67 1.21 3.44
N ILE A 263 14.28 1.61 2.34
CA ILE A 263 13.60 2.49 1.40
C ILE A 263 12.37 1.81 0.85
N ALA A 264 12.51 0.54 0.47
CA ALA A 264 11.36 -0.24 -0.02
C ALA A 264 10.27 -0.36 1.04
N GLY A 265 10.70 -0.53 2.29
CA GLY A 265 9.77 -0.71 3.42
C GLY A 265 8.85 0.48 3.65
N LEU A 266 9.43 1.66 3.60
CA LEU A 266 8.72 2.92 3.74
C LEU A 266 7.89 3.21 2.52
N PHE A 267 8.52 3.10 1.35
CA PHE A 267 7.80 3.19 0.09
C PHE A 267 6.52 2.32 0.12
N ALA A 268 6.62 1.05 0.49
CA ALA A 268 5.46 0.15 0.48
C ALA A 268 4.25 0.81 1.13
N GLY A 269 4.45 1.17 2.39
CA GLY A 269 3.41 1.72 3.25
C GLY A 269 3.67 3.17 3.53
N GLN A 270 3.85 3.89 2.43
CA GLN A 270 3.65 5.30 2.44
C GLN A 270 2.36 5.38 1.68
N HIS A 271 2.43 5.27 0.36
N HIS A 271 2.41 5.33 0.36
CA HIS A 271 1.36 5.77 -0.47
CA HIS A 271 1.26 5.79 -0.42
C HIS A 271 0.04 4.94 -0.35
C HIS A 271 -0.01 4.93 -0.28
N THR A 272 0.12 3.62 -0.29
CA THR A 272 -1.06 2.75 -0.21
C THR A 272 -1.87 2.98 1.08
N SER A 273 -1.20 3.00 2.23
CA SER A 273 -1.83 3.30 3.47
C SER A 273 -2.35 4.74 3.55
N SER A 274 -1.66 5.72 2.95
CA SER A 274 -2.13 7.11 3.02
C SER A 274 -3.37 7.33 2.09
N ILE A 275 -3.33 6.68 0.96
CA ILE A 275 -4.47 6.72 0.08
C ILE A 275 -5.66 6.06 0.75
N THR A 276 -5.45 4.87 1.30
CA THR A 276 -6.54 4.15 1.91
C THR A 276 -7.11 4.93 3.10
N SER A 277 -6.29 5.59 3.91
CA SER A 277 -6.83 6.39 4.97
C SER A 277 -7.63 7.58 4.48
N SER A 278 -7.28 8.12 3.34
CA SER A 278 -8.02 9.25 2.78
C SER A 278 -9.38 8.76 2.34
N TRP A 279 -9.43 7.70 1.53
CA TRP A 279 -10.73 7.20 1.06
C TRP A 279 -11.64 6.79 2.19
N THR A 280 -11.07 6.15 3.20
CA THR A 280 -11.82 5.69 4.33
C THR A 280 -12.42 6.88 5.08
N LEU A 281 -11.55 7.81 5.48
CA LEU A 281 -11.95 8.94 6.23
C LEU A 281 -13.01 9.75 5.45
N MET A 282 -12.80 9.95 4.16
CA MET A 282 -13.75 10.74 3.36
C MET A 282 -15.12 10.11 3.40
N ASN A 283 -15.21 8.81 3.12
CA ASN A 283 -16.51 8.15 3.08
C ASN A 283 -17.19 8.09 4.44
N VAL A 284 -16.41 8.05 5.49
CA VAL A 284 -16.94 7.91 6.84
C VAL A 284 -17.65 9.19 7.26
N ILE A 285 -17.02 10.32 7.00
CA ILE A 285 -17.56 11.60 7.39
C ILE A 285 -18.60 12.17 6.43
N SER A 286 -18.64 11.69 5.20
CA SER A 286 -19.67 12.07 4.23
C SER A 286 -20.96 11.25 4.40
N ASN A 287 -20.95 10.25 5.27
CA ASN A 287 -22.13 9.44 5.53
C ASN A 287 -22.48 9.38 7.03
N LYS A 288 -23.57 10.07 7.39
CA LYS A 288 -24.10 10.22 8.77
C LYS A 288 -24.32 8.88 9.48
N LYS A 289 -24.96 7.93 8.80
CA LYS A 289 -25.15 6.59 9.35
C LYS A 289 -23.84 5.95 9.73
N VAL A 290 -22.93 5.93 8.76
CA VAL A 290 -21.67 5.27 8.93
C VAL A 290 -20.93 5.97 10.05
N LEU A 291 -20.91 7.30 10.03
CA LEU A 291 -20.21 8.04 11.09
C LEU A 291 -20.81 7.84 12.46
N GLU A 292 -22.10 7.52 12.51
CA GLU A 292 -22.78 7.29 13.81
C GLU A 292 -22.24 6.00 14.41
N LYS A 293 -22.37 4.92 13.63
CA LYS A 293 -21.84 3.62 14.05
C LYS A 293 -20.35 3.68 14.40
N VAL A 294 -19.57 4.47 13.66
CA VAL A 294 -18.14 4.57 13.97
C VAL A 294 -17.95 5.23 15.32
N ARG A 295 -18.58 6.38 15.50
CA ARG A 295 -18.49 7.10 16.77
C ARG A 295 -19.02 6.29 17.93
N LYS A 296 -20.02 5.44 17.66
CA LYS A 296 -20.63 4.66 18.73
C LYS A 296 -19.61 3.68 19.22
N GLU A 297 -19.01 2.95 18.28
CA GLU A 297 -17.93 2.03 18.57
C GLU A 297 -16.73 2.69 19.30
N GLN A 298 -16.22 3.81 18.80
CA GLN A 298 -15.16 4.50 19.53
C GLN A 298 -15.51 4.64 21.00
N GLU A 299 -16.74 5.15 21.26
CA GLU A 299 -17.23 5.55 22.60
C GLU A 299 -17.35 4.31 23.50
N GLU A 300 -17.93 3.25 22.99
CA GLU A 300 -17.90 1.97 23.68
C GLU A 300 -16.47 1.60 24.07
N ILE A 301 -15.57 1.57 23.11
CA ILE A 301 -14.22 1.04 23.34
C ILE A 301 -13.35 1.94 24.23
N MET A 302 -13.40 3.24 24.06
CA MET A 302 -12.53 4.13 24.86
C MET A 302 -12.92 4.25 26.34
N GLY A 303 -14.21 4.02 26.64
CA GLY A 303 -14.76 4.30 27.98
C GLY A 303 -14.27 5.62 28.56
N SER A 304 -13.63 5.54 29.72
CA SER A 304 -13.05 6.74 30.39
C SER A 304 -11.58 7.00 30.09
N ASP A 305 -10.94 6.14 29.28
CA ASP A 305 -9.53 6.37 28.90
C ASP A 305 -9.45 7.55 27.96
N LYS A 306 -8.36 8.29 28.06
CA LYS A 306 -8.11 9.44 27.21
C LYS A 306 -7.20 9.10 26.01
N VAL A 307 -6.47 7.98 26.03
CA VAL A 307 -5.60 7.56 24.90
C VAL A 307 -5.79 6.13 24.37
N LEU A 308 -5.27 5.95 23.18
CA LEU A 308 -5.41 4.71 22.49
C LEU A 308 -4.33 3.78 23.00
N ASP A 309 -4.58 2.49 22.87
CA ASP A 309 -3.57 1.45 22.98
C ASP A 309 -3.96 0.29 22.07
N TYR A 310 -3.05 -0.68 21.93
CA TYR A 310 -3.20 -1.72 20.95
C TYR A 310 -4.46 -2.59 21.12
N ASP A 311 -4.80 -2.94 22.35
CA ASP A 311 -6.04 -3.66 22.62
C ASP A 311 -7.30 -2.91 22.18
N LYS A 312 -7.33 -1.61 22.39
CA LYS A 312 -8.46 -0.83 21.93
C LYS A 312 -8.63 -0.97 20.44
N VAL A 313 -7.54 -0.73 19.67
CA VAL A 313 -7.62 -0.76 18.20
C VAL A 313 -7.99 -2.14 17.63
N MET A 314 -7.51 -3.20 18.27
CA MET A 314 -7.98 -4.57 17.93
C MET A 314 -9.50 -4.81 18.11
N LYS A 315 -10.14 -3.99 18.93
CA LYS A 315 -11.58 -4.04 19.07
C LYS A 315 -12.42 -3.26 18.06
N MET A 316 -11.81 -2.49 17.14
CA MET A 316 -12.55 -1.58 16.25
C MET A 316 -13.06 -2.25 14.98
N ASP A 317 -13.98 -3.20 15.14
CA ASP A 317 -14.33 -4.05 14.02
C ASP A 317 -15.03 -3.33 12.89
N TYR A 318 -15.87 -2.38 13.25
CA TYR A 318 -16.62 -1.65 12.31
C TYR A 318 -15.70 -0.66 11.57
N LEU A 319 -14.79 0.01 12.28
CA LEU A 319 -13.88 0.95 11.61
C LEU A 319 -13.05 0.16 10.55
N GLU A 320 -12.54 -1.00 10.95
CA GLU A 320 -11.91 -1.96 10.02
C GLU A 320 -12.70 -2.32 8.79
N ALA A 321 -13.98 -2.64 8.98
CA ALA A 321 -14.89 -2.92 7.85
C ALA A 321 -15.02 -1.72 6.90
N CYS A 322 -15.02 -0.52 7.47
CA CYS A 322 -15.02 0.68 6.69
C CYS A 322 -13.76 0.74 5.85
N MET A 323 -12.62 0.52 6.50
CA MET A 323 -11.37 0.46 5.77
C MET A 323 -11.41 -0.59 4.68
N LYS A 324 -11.89 -1.79 4.99
CA LYS A 324 -12.00 -2.83 3.97
C LYS A 324 -12.88 -2.43 2.75
N GLU A 325 -13.90 -1.65 3.02
CA GLU A 325 -14.84 -1.21 2.02
C GLU A 325 -14.23 -0.14 1.14
N ALA A 326 -13.40 0.73 1.69
CA ALA A 326 -12.60 1.66 0.89
C ALA A 326 -11.64 0.91 0.00
N LEU A 327 -11.07 -0.22 0.47
CA LEU A 327 -10.18 -1.06 -0.33
C LEU A 327 -10.85 -1.87 -1.42
N ARG A 328 -12.08 -2.32 -1.19
CA ARG A 328 -12.88 -2.89 -2.30
C ARG A 328 -13.14 -1.85 -3.40
N MET A 329 -13.61 -0.66 -3.01
CA MET A 329 -14.01 0.36 -3.97
C MET A 329 -12.85 1.13 -4.60
N TYR A 330 -11.80 1.42 -3.83
CA TYR A 330 -10.68 2.24 -4.27
C TYR A 330 -9.30 1.64 -4.00
N PRO A 331 -9.07 0.40 -4.45
CA PRO A 331 -7.78 -0.23 -4.16
C PRO A 331 -6.64 0.62 -4.77
N PRO A 332 -5.57 0.91 -4.01
CA PRO A 332 -4.47 1.73 -4.52
C PRO A 332 -3.49 1.02 -5.48
N LEU A 333 -3.40 -0.31 -5.42
CA LEU A 333 -2.73 -1.11 -6.43
C LEU A 333 -3.86 -1.71 -7.29
N ILE A 334 -4.15 -1.01 -8.38
CA ILE A 334 -5.24 -1.33 -9.28
C ILE A 334 -5.00 -2.58 -10.10
N MET A 335 -3.72 -2.96 -10.26
CA MET A 335 -3.30 -4.13 -11.03
C MET A 335 -2.14 -4.91 -10.40
N ILE A 336 -2.24 -6.23 -10.45
CA ILE A 336 -1.25 -7.15 -9.93
C ILE A 336 -0.81 -7.98 -11.12
N MET A 337 0.48 -8.24 -11.24
CA MET A 337 1.02 -8.93 -12.44
C MET A 337 2.06 -10.03 -12.20
N ARG A 338 2.09 -10.99 -13.12
CA ARG A 338 3.08 -12.07 -13.17
C ARG A 338 3.53 -12.32 -14.61
N MET A 339 4.79 -12.66 -14.83
CA MET A 339 5.21 -13.21 -16.12
C MET A 339 5.16 -14.74 -16.15
N ALA A 340 4.59 -15.27 -17.22
CA ALA A 340 4.56 -16.70 -17.47
C ALA A 340 5.93 -17.12 -17.96
N ARG A 341 6.65 -17.85 -17.10
CA ARG A 341 7.88 -18.55 -17.50
C ARG A 341 7.57 -19.95 -18.06
N LYS A 342 6.35 -20.44 -17.82
CA LYS A 342 5.86 -21.67 -18.42
C LYS A 342 4.49 -21.41 -19.04
N PRO A 343 4.12 -22.15 -20.10
CA PRO A 343 2.76 -21.96 -20.57
C PRO A 343 1.88 -22.34 -19.44
N ARG A 344 0.69 -21.76 -19.34
CA ARG A 344 -0.14 -21.96 -18.17
C ARG A 344 -1.62 -22.10 -18.50
N GLU A 345 -2.26 -23.14 -17.96
CA GLU A 345 -3.69 -23.40 -18.19
C GLU A 345 -4.61 -22.40 -17.48
N CYS A 346 -5.59 -21.90 -18.23
CA CYS A 346 -6.69 -21.14 -17.63
C CYS A 346 -8.02 -21.42 -18.34
N GLU A 347 -9.01 -21.91 -17.59
CA GLU A 347 -10.27 -22.43 -18.13
C GLU A 347 -10.06 -23.42 -19.30
N GLN A 348 -10.41 -23.02 -20.53
CA GLN A 348 -10.28 -23.86 -21.72
C GLN A 348 -9.03 -23.50 -22.52
N TYR A 349 -8.24 -22.55 -22.01
CA TYR A 349 -7.12 -21.95 -22.78
C TYR A 349 -5.75 -22.27 -22.22
N ILE A 350 -4.73 -22.02 -23.03
CA ILE A 350 -3.34 -22.04 -22.56
C ILE A 350 -2.67 -20.70 -22.88
N ILE A 351 -2.35 -19.97 -21.81
CA ILE A 351 -1.61 -18.73 -21.90
C ILE A 351 -0.16 -19.13 -22.09
N PRO A 352 0.49 -18.65 -23.16
CA PRO A 352 1.86 -19.04 -23.47
C PRO A 352 2.96 -18.30 -22.70
N LYS A 353 4.13 -18.92 -22.63
CA LYS A 353 5.33 -18.31 -22.10
C LYS A 353 5.49 -16.93 -22.65
N GLY A 354 5.99 -16.03 -21.80
CA GLY A 354 6.22 -14.65 -22.18
C GLY A 354 5.04 -13.72 -21.94
N ASN A 355 3.81 -14.24 -21.83
CA ASN A 355 2.67 -13.36 -21.52
C ASN A 355 2.75 -12.88 -20.08
N ILE A 356 2.19 -11.71 -19.86
CA ILE A 356 2.07 -11.20 -18.56
C ILE A 356 0.64 -11.42 -18.17
N LEU A 357 0.44 -12.11 -17.04
CA LEU A 357 -0.89 -12.26 -16.50
C LEU A 357 -1.20 -11.09 -15.63
N VAL A 358 -2.43 -10.60 -15.72
CA VAL A 358 -2.84 -9.41 -14.98
C VAL A 358 -4.15 -9.64 -14.26
N VAL A 359 -4.18 -9.37 -12.96
CA VAL A 359 -5.42 -9.35 -12.22
C VAL A 359 -5.55 -7.96 -11.64
N SER A 360 -6.80 -7.48 -11.59
CA SER A 360 -7.11 -6.14 -11.10
C SER A 360 -8.08 -6.13 -9.93
N PRO A 361 -7.59 -5.78 -8.72
CA PRO A 361 -8.50 -5.65 -7.58
C PRO A 361 -9.54 -4.56 -7.69
N SER A 362 -9.34 -3.61 -8.60
CA SER A 362 -10.38 -2.62 -8.93
C SER A 362 -11.55 -3.29 -9.66
N VAL A 363 -11.25 -4.16 -10.60
CA VAL A 363 -12.26 -4.89 -11.38
C VAL A 363 -13.00 -5.84 -10.47
N ALA A 364 -12.24 -6.59 -9.67
CA ALA A 364 -12.83 -7.49 -8.67
C ALA A 364 -13.77 -6.79 -7.66
N GLY A 365 -13.36 -5.63 -7.17
CA GLY A 365 -14.17 -4.90 -6.21
C GLY A 365 -15.52 -4.41 -6.69
N ARG A 366 -15.71 -4.36 -8.00
CA ARG A 366 -16.97 -3.90 -8.59
C ARG A 366 -17.78 -5.02 -9.26
N CYS A 367 -17.34 -6.27 -9.16
CA CYS A 367 -18.01 -7.43 -9.79
C CYS A 367 -19.40 -7.68 -9.17
N THR A 368 -20.44 -7.55 -9.99
CA THR A 368 -21.83 -7.71 -9.55
C THR A 368 -22.14 -9.18 -9.19
N ASP A 369 -21.37 -10.08 -9.79
CA ASP A 369 -21.26 -11.49 -9.40
C ASP A 369 -20.85 -11.77 -7.93
N THR A 370 -20.15 -10.82 -7.30
CA THR A 370 -19.78 -10.88 -5.89
C THR A 370 -20.44 -9.77 -5.06
N TYR A 371 -20.69 -8.59 -5.63
CA TYR A 371 -21.23 -7.48 -4.82
C TYR A 371 -22.48 -6.91 -5.44
N THR A 372 -23.48 -6.70 -4.58
CA THR A 372 -24.70 -6.04 -4.98
C THR A 372 -24.43 -4.55 -4.82
N ASN A 373 -24.85 -3.76 -5.81
CA ASN A 373 -24.76 -2.29 -5.78
C ASN A 373 -23.33 -1.78 -5.52
N PRO A 374 -22.37 -2.28 -6.31
CA PRO A 374 -20.97 -2.10 -5.99
C PRO A 374 -20.46 -0.67 -5.89
N ASP A 375 -21.22 0.32 -6.38
CA ASP A 375 -20.80 1.73 -6.30
C ASP A 375 -21.19 2.38 -5.01
N VAL A 376 -21.81 1.61 -4.10
CA VAL A 376 -22.24 2.18 -2.83
C VAL A 376 -21.22 1.83 -1.72
N PHE A 377 -20.70 2.85 -1.04
CA PHE A 377 -19.94 2.62 0.17
C PHE A 377 -20.91 2.20 1.32
N ASP A 378 -20.80 0.92 1.69
CA ASP A 378 -21.70 0.26 2.62
C ASP A 378 -20.92 -0.77 3.43
N PRO A 379 -20.31 -0.39 4.56
CA PRO A 379 -19.57 -1.42 5.35
C PRO A 379 -20.38 -2.69 5.70
N GLU A 380 -21.71 -2.55 5.80
CA GLU A 380 -22.62 -3.67 6.11
C GLU A 380 -22.67 -4.78 5.07
N ARG A 381 -22.24 -4.54 3.85
CA ARG A 381 -22.10 -5.62 2.88
C ARG A 381 -21.13 -6.70 3.38
N LEU A 382 -20.18 -6.30 4.23
CA LEU A 382 -19.15 -7.22 4.73
C LEU A 382 -19.50 -7.74 6.15
N THR A 383 -19.78 -6.82 7.07
CA THR A 383 -20.03 -7.17 8.48
C THR A 383 -21.26 -8.09 8.63
N GLU A 384 -22.35 -7.74 7.94
CA GLU A 384 -23.62 -8.45 8.04
C GLU A 384 -23.77 -9.44 6.89
N ARG A 385 -23.87 -8.97 5.66
CA ARG A 385 -24.15 -9.82 4.48
C ARG A 385 -22.99 -10.71 4.01
N LYS A 386 -21.78 -10.54 4.57
CA LYS A 386 -20.62 -11.41 4.27
C LYS A 386 -20.31 -11.49 2.77
N GLU A 387 -20.66 -10.44 2.02
CA GLU A 387 -20.66 -10.54 0.55
C GLU A 387 -19.32 -11.03 -0.02
N HIS A 388 -18.23 -10.61 0.64
CA HIS A 388 -16.88 -11.03 0.29
C HIS A 388 -16.67 -12.54 0.28
N GLU A 389 -17.31 -13.22 1.22
CA GLU A 389 -17.08 -14.66 1.47
C GLU A 389 -17.57 -15.58 0.32
N LYS A 390 -18.49 -15.11 -0.53
CA LYS A 390 -18.96 -15.88 -1.69
C LYS A 390 -17.85 -16.71 -2.38
N PHE A 391 -16.99 -16.04 -3.17
CA PHE A 391 -15.84 -16.70 -3.80
C PHE A 391 -14.62 -16.61 -2.90
N LYS A 392 -13.71 -17.56 -3.09
CA LYS A 392 -12.46 -17.63 -2.35
C LYS A 392 -11.56 -16.44 -2.65
N TYR A 393 -11.61 -15.95 -3.89
CA TYR A 393 -10.82 -14.82 -4.32
C TYR A 393 -11.71 -13.64 -4.76
N GLY A 394 -12.86 -13.49 -4.10
CA GLY A 394 -13.71 -12.32 -4.33
C GLY A 394 -13.11 -11.02 -3.85
N ALA A 395 -12.30 -11.09 -2.78
CA ALA A 395 -11.62 -9.95 -2.16
C ALA A 395 -10.12 -10.19 -2.17
N VAL A 396 -9.39 -9.42 -2.98
CA VAL A 396 -7.92 -9.52 -3.02
C VAL A 396 -7.24 -8.15 -2.86
N PRO A 397 -7.72 -7.31 -1.94
CA PRO A 397 -7.02 -6.03 -1.80
C PRO A 397 -5.57 -6.18 -1.29
N PHE A 398 -5.31 -7.19 -0.45
CA PHE A 398 -3.98 -7.47 0.11
C PHE A 398 -3.29 -8.64 -0.61
N GLY A 399 -3.89 -9.12 -1.68
CA GLY A 399 -3.32 -10.21 -2.44
C GLY A 399 -3.76 -11.52 -1.83
N ALA A 400 -3.06 -12.57 -2.26
CA ALA A 400 -3.45 -13.93 -1.93
C ALA A 400 -2.28 -14.85 -2.22
N GLY A 401 -2.26 -15.96 -1.51
CA GLY A 401 -1.23 -16.95 -1.73
C GLY A 401 0.16 -16.51 -1.36
N ARG A 402 1.12 -16.89 -2.17
CA ARG A 402 2.50 -16.92 -1.73
C ARG A 402 3.03 -15.51 -1.54
N HIS A 403 2.45 -14.53 -2.22
CA HIS A 403 2.92 -13.15 -2.10
C HIS A 403 1.82 -12.27 -1.50
N LYS A 404 1.06 -12.80 -0.54
CA LYS A 404 0.15 -12.00 0.24
C LYS A 404 0.94 -10.85 0.94
N CYS A 405 0.29 -9.71 1.13
CA CYS A 405 0.88 -8.55 1.76
C CYS A 405 1.39 -8.89 3.14
N ILE A 406 2.66 -8.70 3.41
CA ILE A 406 3.08 -8.93 4.81
C ILE A 406 2.84 -7.69 5.66
N GLY A 407 2.41 -6.57 5.05
CA GLY A 407 2.14 -5.33 5.77
C GLY A 407 0.72 -5.14 6.24
N GLU A 408 -0.17 -6.11 5.99
CA GLU A 408 -1.58 -5.88 6.18
C GLU A 408 -1.98 -5.47 7.59
N ASN A 409 -1.57 -6.25 8.59
CA ASN A 409 -1.88 -5.96 9.95
C ASN A 409 -1.34 -4.60 10.36
N PHE A 410 -0.13 -4.25 9.91
CA PHE A 410 0.42 -2.88 10.26
C PHE A 410 -0.43 -1.82 9.59
N ALA A 411 -0.87 -2.08 8.36
CA ALA A 411 -1.63 -1.07 7.65
C ALA A 411 -2.95 -0.80 8.34
N LEU A 412 -3.63 -1.90 8.65
CA LEU A 412 -4.89 -1.84 9.35
C LEU A 412 -4.67 -1.15 10.67
N LEU A 413 -3.59 -1.50 11.36
CA LEU A 413 -3.29 -0.86 12.64
C LEU A 413 -3.09 0.66 12.50
N GLN A 414 -2.29 1.06 11.54
CA GLN A 414 -1.97 2.49 11.34
C GLN A 414 -3.16 3.31 10.84
N VAL A 415 -3.96 2.78 9.91
CA VAL A 415 -5.09 3.55 9.39
C VAL A 415 -6.21 3.73 10.44
N LYS A 416 -6.59 2.63 11.07
CA LYS A 416 -7.57 2.63 12.13
C LYS A 416 -7.11 3.54 13.28
N SER A 417 -5.85 3.44 13.68
CA SER A 417 -5.38 4.35 14.72
C SER A 417 -5.50 5.81 14.31
N ILE A 418 -5.12 6.11 13.09
CA ILE A 418 -5.06 7.52 12.66
C ILE A 418 -6.46 8.11 12.61
N ILE A 419 -7.39 7.36 12.05
CA ILE A 419 -8.73 7.83 11.91
C ILE A 419 -9.43 7.96 13.27
N SER A 420 -9.34 6.93 14.10
CA SER A 420 -9.80 6.99 15.49
C SER A 420 -9.21 8.21 16.24
N ILE A 421 -7.92 8.46 16.15
CA ILE A 421 -7.38 9.60 16.90
C ILE A 421 -7.94 10.90 16.30
N LEU A 422 -8.02 11.02 14.96
CA LEU A 422 -8.53 12.25 14.38
C LEU A 422 -10.00 12.52 14.77
N LEU A 423 -10.85 11.50 14.68
CA LEU A 423 -12.21 11.55 15.24
C LEU A 423 -12.30 12.00 16.71
N ARG A 424 -11.36 11.56 17.53
CA ARG A 424 -11.35 11.95 18.93
C ARG A 424 -11.11 13.46 19.05
N TYR A 425 -10.14 14.00 18.32
CA TYR A 425 -9.83 15.41 18.37
C TYR A 425 -10.86 16.32 17.68
N PHE A 426 -11.38 15.91 16.52
CA PHE A 426 -12.02 16.80 15.61
C PHE A 426 -13.34 16.31 15.12
N ASP A 427 -14.30 17.22 15.09
CA ASP A 427 -15.40 17.12 14.15
C ASP A 427 -14.87 17.56 12.82
N MET A 428 -15.32 16.87 11.78
CA MET A 428 -14.83 17.02 10.45
C MET A 428 -15.98 16.93 9.50
N GLU A 429 -15.96 17.76 8.46
CA GLU A 429 -16.88 17.62 7.35
C GLU A 429 -16.12 17.72 6.04
N TYR A 430 -16.49 16.89 5.09
CA TYR A 430 -15.88 16.91 3.79
C TYR A 430 -16.58 18.01 2.97
N ILE A 431 -15.90 18.51 1.95
CA ILE A 431 -16.42 19.54 1.06
C ILE A 431 -16.61 18.96 -0.34
N GLY A 432 -17.81 19.03 -0.88
CA GLY A 432 -18.09 18.55 -2.24
C GLY A 432 -18.44 17.07 -2.27
N LYS A 433 -18.51 16.50 -3.46
CA LYS A 433 -18.76 15.08 -3.67
C LYS A 433 -17.46 14.25 -3.54
N ILE A 434 -17.60 12.98 -3.16
CA ILE A 434 -16.48 12.04 -3.15
C ILE A 434 -15.92 12.01 -4.58
N PRO A 435 -14.61 12.27 -4.75
CA PRO A 435 -14.03 12.30 -6.09
C PRO A 435 -13.93 10.92 -6.69
N ASP A 436 -13.45 10.85 -7.93
CA ASP A 436 -13.12 9.56 -8.53
C ASP A 436 -11.63 9.29 -8.43
N PRO A 437 -11.22 8.03 -8.63
CA PRO A 437 -9.79 7.73 -8.66
C PRO A 437 -9.07 8.43 -9.85
N SER A 438 -7.79 8.74 -9.66
CA SER A 438 -7.00 9.42 -10.67
C SER A 438 -5.94 8.45 -11.13
N TYR A 439 -6.02 8.02 -12.39
CA TYR A 439 -5.10 7.03 -12.98
C TYR A 439 -3.87 7.68 -13.60
N THR A 440 -3.11 8.41 -12.80
CA THR A 440 -2.00 9.23 -13.31
C THR A 440 -0.68 8.94 -12.60
N SER A 441 -0.59 7.79 -11.94
CA SER A 441 0.60 7.44 -11.17
C SER A 441 0.61 5.96 -10.88
N LEU A 442 1.73 5.50 -10.34
CA LEU A 442 1.93 4.08 -10.05
C LEU A 442 0.89 3.55 -9.06
N VAL A 443 0.66 4.34 -8.00
CA VAL A 443 -0.29 4.07 -6.92
C VAL A 443 -1.46 5.04 -7.03
N VAL A 444 -2.63 4.50 -7.30
CA VAL A 444 -3.83 5.26 -7.61
C VAL A 444 -4.60 5.80 -6.39
N GLY A 445 -4.84 7.10 -6.40
CA GLY A 445 -5.43 7.83 -5.29
C GLY A 445 -6.54 8.74 -5.74
N PRO A 446 -7.16 9.47 -4.78
CA PRO A 446 -8.30 10.32 -5.14
C PRO A 446 -7.85 11.53 -5.94
N SER A 447 -8.64 11.89 -6.94
CA SER A 447 -8.42 13.13 -7.74
C SER A 447 -8.60 14.37 -6.87
N PRO A 448 -7.60 15.29 -6.85
CA PRO A 448 -7.80 16.56 -6.12
C PRO A 448 -8.84 17.48 -6.80
N PRO A 449 -9.45 18.40 -6.06
CA PRO A 449 -9.15 18.67 -4.66
C PRO A 449 -9.87 17.69 -3.69
N THR A 450 -9.26 17.42 -2.53
CA THR A 450 -9.90 16.64 -1.44
C THR A 450 -9.75 17.47 -0.17
N ARG A 451 -10.77 18.24 0.19
CA ARG A 451 -10.68 19.15 1.32
C ARG A 451 -11.77 18.85 2.32
N MET A 452 -11.54 19.28 3.55
CA MET A 452 -12.47 19.06 4.64
C MET A 452 -12.33 20.16 5.67
N ARG A 453 -13.45 20.49 6.33
CA ARG A 453 -13.46 21.44 7.44
C ARG A 453 -13.25 20.62 8.68
N TYR A 454 -12.62 21.21 9.67
CA TYR A 454 -12.38 20.53 10.91
C TYR A 454 -12.62 21.46 12.09
N LYS A 455 -13.02 20.90 13.23
CA LYS A 455 -13.21 21.68 14.43
C LYS A 455 -12.90 20.82 15.63
N LEU A 456 -11.97 21.30 16.43
CA LEU A 456 -11.58 20.73 17.71
C LEU A 456 -12.78 20.53 18.65
N ARG A 457 -13.02 19.29 19.06
CA ARG A 457 -14.10 18.99 19.99
C ARG A 457 -13.87 19.39 21.44
N LYS A 458 -12.64 19.75 21.84
CA LYS A 458 -12.35 20.32 23.20
C LYS A 458 -11.33 21.45 23.12
N GLN A 459 -11.64 22.64 23.69
CA GLN A 459 -10.79 23.84 23.50
C GLN A 459 -10.37 24.58 24.75
N GLN A 460 -9.55 25.62 24.56
CA GLN A 460 -9.02 26.45 25.65
C GLN A 460 -8.96 27.98 25.29
N HIS A 461 -9.88 28.47 24.45
CA HIS A 461 -9.95 29.91 24.10
C HIS A 461 -11.31 30.34 23.55
#